data_1EFH
#
_entry.id   1EFH
#
_cell.length_a   73.190
_cell.length_b   96.820
_cell.length_c   127.380
_cell.angle_alpha   90.00
_cell.angle_beta   90.00
_cell.angle_gamma   90.00
#
_symmetry.space_group_name_H-M   'P 21 21 21'
#
loop_
_entity.id
_entity.type
_entity.pdbx_description
1 polymer 'HYDROXYSTEROID SULFOTRANSFERASE'
2 non-polymer "ADENOSINE-3'-5'-DIPHOSPHATE"
3 water water
#
_entity_poly.entity_id   1
_entity_poly.type   'polypeptide(L)'
_entity_poly.pdbx_seq_one_letter_code
;MSDDFLWFEGIAFPTMGFRSETLRKVRDEFVIRDEDVIILTYPKSGTNWLAEILCLMHSKGDAKWIQSVPIWERSPWVES
EIGYTALSETESPRLFSSHLPIQLFPKSFFSSKAKVIYLMRNPRDVLVSGYFFWKNMKFIKKPKSWEEYFEWFCQGTVLY
GSWFDHIHGWMPMREEKNFLLLSYEELKQDTGRTIEKICQFLGKTLEPEELNLILKNSSFQSMKENKMSNYSLLSVDYVV
DKAQLLRKGVSGDWKNHFTVAQAEDFDKLFQEKMADLPRKLAAALEHHHHHH
;
_entity_poly.pdbx_strand_id   A,B
#
loop_
_chem_comp.id
_chem_comp.type
_chem_comp.name
_chem_comp.formula
A3P RNA linking ADENOSINE-3'-5'-DIPHOSPHATE 'C10 H15 N5 O10 P2'
#
# COMPACT_ATOMS: atom_id res chain seq x y z
N ASP A 4 -13.75 -12.12 14.69
CA ASP A 4 -14.73 -12.80 13.80
C ASP A 4 -14.49 -12.39 12.34
N PHE A 5 -15.32 -12.93 11.44
CA PHE A 5 -15.21 -12.66 10.00
C PHE A 5 -16.18 -11.58 9.51
N LEU A 6 -15.81 -10.96 8.39
CA LEU A 6 -16.66 -9.98 7.74
C LEU A 6 -17.36 -10.80 6.66
N TRP A 7 -18.69 -10.98 6.80
CA TRP A 7 -19.44 -11.76 5.82
C TRP A 7 -20.10 -10.92 4.74
N PHE A 8 -20.07 -11.43 3.52
CA PHE A 8 -20.67 -10.76 2.38
C PHE A 8 -21.19 -11.84 1.45
N GLU A 9 -22.52 -11.92 1.33
CA GLU A 9 -23.13 -12.92 0.48
C GLU A 9 -22.72 -14.33 0.94
N GLY A 10 -22.56 -14.51 2.25
CA GLY A 10 -22.20 -15.81 2.80
C GLY A 10 -20.74 -16.23 2.68
N ILE A 11 -19.87 -15.29 2.34
CA ILE A 11 -18.44 -15.58 2.20
C ILE A 11 -17.62 -14.78 3.21
N ALA A 12 -16.69 -15.45 3.87
CA ALA A 12 -15.87 -14.78 4.87
C ALA A 12 -14.67 -14.02 4.32
N PHE A 13 -14.47 -12.80 4.82
CA PHE A 13 -13.34 -11.99 4.42
C PHE A 13 -12.65 -11.49 5.67
N PRO A 14 -11.43 -10.94 5.55
CA PRO A 14 -10.76 -10.45 6.75
C PRO A 14 -11.63 -9.31 7.27
N THR A 15 -11.46 -8.93 8.54
CA THR A 15 -12.28 -7.85 9.08
C THR A 15 -11.72 -6.44 8.81
N MET A 16 -10.45 -6.38 8.40
CA MET A 16 -9.81 -5.10 8.08
C MET A 16 -9.28 -5.17 6.66
N GLY A 17 -9.29 -4.04 5.96
CA GLY A 17 -8.79 -3.99 4.59
C GLY A 17 -9.85 -4.27 3.55
N PHE A 18 -11.05 -4.67 3.99
CA PHE A 18 -12.14 -4.96 3.07
C PHE A 18 -13.43 -4.33 3.57
N ARG A 19 -14.28 -3.91 2.65
CA ARG A 19 -15.56 -3.31 3.00
C ARG A 19 -16.68 -3.89 2.13
N SER A 20 -17.80 -4.21 2.76
CA SER A 20 -18.94 -4.75 2.03
C SER A 20 -19.29 -3.83 0.88
N GLU A 21 -19.39 -2.54 1.18
CA GLU A 21 -19.71 -1.52 0.20
C GLU A 21 -18.85 -1.67 -1.06
N THR A 22 -17.55 -1.88 -0.85
CA THR A 22 -16.62 -2.05 -1.95
C THR A 22 -16.85 -3.38 -2.68
N LEU A 23 -17.05 -4.44 -1.91
CA LEU A 23 -17.28 -5.75 -2.49
C LEU A 23 -18.46 -5.70 -3.45
N ARG A 24 -19.51 -5.00 -3.05
CA ARG A 24 -20.69 -4.88 -3.88
C ARG A 24 -20.32 -4.13 -5.16
N LYS A 25 -19.46 -3.12 -5.03
CA LYS A 25 -19.04 -2.33 -6.18
C LYS A 25 -18.10 -3.14 -7.07
N VAL A 26 -17.22 -3.91 -6.43
CA VAL A 26 -16.28 -4.75 -7.15
C VAL A 26 -17.09 -5.64 -8.09
N ARG A 27 -18.09 -6.32 -7.53
CA ARG A 27 -18.96 -7.20 -8.29
C ARG A 27 -19.85 -6.52 -9.34
N ASP A 28 -20.61 -5.52 -8.91
CA ASP A 28 -21.55 -4.85 -9.81
C ASP A 28 -21.08 -3.63 -10.62
N GLU A 29 -20.00 -2.98 -10.21
CA GLU A 29 -19.56 -1.79 -10.93
C GLU A 29 -18.15 -1.71 -11.50
N PHE A 30 -17.19 -2.38 -10.86
CA PHE A 30 -15.81 -2.35 -11.33
C PHE A 30 -15.73 -2.69 -12.82
N VAL A 31 -15.05 -1.85 -13.59
CA VAL A 31 -14.91 -2.08 -15.03
C VAL A 31 -13.70 -2.95 -15.37
N ILE A 32 -13.93 -4.02 -16.10
CA ILE A 32 -12.86 -4.92 -16.52
C ILE A 32 -12.52 -4.56 -17.96
N ARG A 33 -11.23 -4.46 -18.26
CA ARG A 33 -10.79 -4.10 -19.61
C ARG A 33 -10.15 -5.27 -20.33
N ASP A 34 -10.36 -5.36 -21.65
CA ASP A 34 -9.81 -6.47 -22.41
C ASP A 34 -8.30 -6.68 -22.27
N GLU A 35 -7.57 -5.64 -21.88
CA GLU A 35 -6.11 -5.72 -21.75
C GLU A 35 -5.63 -6.14 -20.36
N ASP A 36 -6.58 -6.35 -19.46
CA ASP A 36 -6.26 -6.79 -18.10
C ASP A 36 -5.79 -8.25 -18.11
N VAL A 37 -4.86 -8.56 -17.21
CA VAL A 37 -4.36 -9.92 -17.04
C VAL A 37 -4.68 -10.17 -15.58
N ILE A 38 -5.53 -11.15 -15.32
CA ILE A 38 -5.96 -11.40 -13.94
C ILE A 38 -5.56 -12.75 -13.37
N ILE A 39 -5.05 -12.74 -12.15
CA ILE A 39 -4.65 -13.97 -11.48
C ILE A 39 -5.79 -14.38 -10.55
N LEU A 40 -6.37 -15.56 -10.78
CA LEU A 40 -7.47 -16.06 -9.95
C LEU A 40 -6.99 -17.26 -9.17
N THR A 41 -7.24 -17.27 -7.88
CA THR A 41 -6.84 -18.38 -7.04
C THR A 41 -7.66 -18.45 -5.78
N TYR A 42 -7.76 -19.65 -5.22
CA TYR A 42 -8.41 -19.83 -3.93
C TYR A 42 -7.20 -19.51 -3.05
N PRO A 43 -7.40 -18.78 -1.95
CA PRO A 43 -6.27 -18.43 -1.07
C PRO A 43 -5.29 -19.58 -0.77
N LYS A 44 -4.00 -19.25 -0.78
CA LYS A 44 -2.91 -20.16 -0.50
C LYS A 44 -2.63 -21.20 -1.59
N SER A 45 -2.94 -20.85 -2.84
CA SER A 45 -2.69 -21.76 -3.96
C SER A 45 -1.45 -21.38 -4.76
N GLY A 46 -0.76 -20.32 -4.35
CA GLY A 46 0.43 -19.89 -5.06
C GLY A 46 0.25 -18.58 -5.81
N THR A 47 -0.66 -17.75 -5.31
CA THR A 47 -0.96 -16.46 -5.95
C THR A 47 0.29 -15.59 -6.12
N ASN A 48 0.99 -15.33 -5.01
CA ASN A 48 2.18 -14.49 -5.05
C ASN A 48 3.29 -15.04 -5.93
N TRP A 49 3.40 -16.37 -5.99
CA TRP A 49 4.42 -17.00 -6.80
C TRP A 49 4.15 -16.67 -8.26
N LEU A 50 2.89 -16.82 -8.66
CA LEU A 50 2.48 -16.56 -10.04
C LEU A 50 2.57 -15.09 -10.41
N ALA A 51 2.27 -14.20 -9.46
CA ALA A 51 2.34 -12.77 -9.71
C ALA A 51 3.80 -12.39 -9.97
N GLU A 52 4.70 -12.91 -9.15
CA GLU A 52 6.13 -12.63 -9.28
C GLU A 52 6.58 -13.03 -10.69
N ILE A 53 6.23 -14.25 -11.08
CA ILE A 53 6.58 -14.76 -12.39
C ILE A 53 6.06 -13.86 -13.50
N LEU A 54 4.81 -13.40 -13.37
CA LEU A 54 4.24 -12.53 -14.39
C LEU A 54 4.99 -11.18 -14.44
N CYS A 55 5.38 -10.68 -13.27
CA CYS A 55 6.13 -9.43 -13.24
C CYS A 55 7.48 -9.66 -13.90
N LEU A 56 8.10 -10.80 -13.58
CA LEU A 56 9.40 -11.15 -14.14
C LEU A 56 9.33 -11.35 -15.64
N MET A 57 8.18 -11.80 -16.14
CA MET A 57 8.04 -11.99 -17.57
C MET A 57 7.97 -10.63 -18.24
N HIS A 58 7.46 -9.66 -17.51
CA HIS A 58 7.34 -8.29 -18.00
C HIS A 58 8.73 -7.65 -18.10
N SER A 59 9.55 -7.89 -17.07
CA SER A 59 10.90 -7.33 -17.02
C SER A 59 11.92 -8.25 -17.70
N LYS A 60 11.43 -9.20 -18.48
CA LYS A 60 12.30 -10.13 -19.19
C LYS A 60 13.39 -10.73 -18.30
N GLY A 61 13.11 -10.85 -17.01
CA GLY A 61 14.11 -11.43 -16.13
C GLY A 61 14.80 -10.47 -15.18
N ASP A 62 14.96 -9.21 -15.58
CA ASP A 62 15.61 -8.23 -14.71
C ASP A 62 14.83 -8.13 -13.39
N ALA A 63 15.56 -8.07 -12.28
CA ALA A 63 14.93 -8.04 -10.97
C ALA A 63 14.88 -6.68 -10.28
N LYS A 64 15.42 -5.64 -10.92
CA LYS A 64 15.42 -4.32 -10.30
C LYS A 64 14.03 -3.86 -9.86
N TRP A 65 13.09 -3.93 -10.79
CA TRP A 65 11.71 -3.52 -10.51
C TRP A 65 11.03 -4.31 -9.38
N ILE A 66 11.11 -5.63 -9.40
CA ILE A 66 10.46 -6.43 -8.36
C ILE A 66 11.13 -6.30 -7.01
N GLN A 67 12.32 -5.73 -6.98
CA GLN A 67 13.02 -5.59 -5.72
C GLN A 67 12.94 -4.19 -5.12
N SER A 68 12.34 -3.26 -5.86
CA SER A 68 12.20 -1.89 -5.38
C SER A 68 10.74 -1.52 -5.13
N VAL A 69 9.83 -2.19 -5.83
CA VAL A 69 8.38 -1.95 -5.69
C VAL A 69 7.74 -3.19 -5.06
N PRO A 70 7.00 -3.02 -3.95
CA PRO A 70 6.38 -4.20 -3.33
C PRO A 70 5.46 -4.97 -4.29
N ILE A 71 5.31 -6.26 -4.04
CA ILE A 71 4.49 -7.11 -4.90
C ILE A 71 3.02 -6.71 -4.95
N TRP A 72 2.41 -6.40 -3.80
CA TRP A 72 1.00 -6.00 -3.79
C TRP A 72 0.72 -4.73 -4.59
N GLU A 73 1.77 -4.03 -4.98
CA GLU A 73 1.57 -2.84 -5.78
C GLU A 73 1.70 -3.21 -7.25
N ARG A 74 2.55 -4.20 -7.53
CA ARG A 74 2.77 -4.65 -8.90
C ARG A 74 1.57 -5.49 -9.38
N SER A 75 0.90 -6.14 -8.44
CA SER A 75 -0.26 -6.95 -8.74
C SER A 75 -1.23 -6.79 -7.58
N PRO A 76 -2.03 -5.71 -7.60
CA PRO A 76 -3.00 -5.45 -6.54
C PRO A 76 -4.06 -6.54 -6.36
N TRP A 77 -4.59 -6.59 -5.14
CA TRP A 77 -5.63 -7.53 -4.75
C TRP A 77 -6.91 -6.70 -4.95
N VAL A 78 -7.51 -6.81 -6.14
CA VAL A 78 -8.68 -6.02 -6.53
C VAL A 78 -9.84 -5.85 -5.55
N GLU A 79 -10.23 -6.87 -4.82
CA GLU A 79 -11.35 -6.69 -3.89
C GLU A 79 -10.95 -6.02 -2.58
N SER A 80 -9.67 -5.90 -2.31
CA SER A 80 -9.21 -5.24 -1.09
C SER A 80 -9.37 -3.71 -1.29
N GLU A 81 -9.50 -2.97 -0.20
CA GLU A 81 -9.64 -1.51 -0.28
C GLU A 81 -8.54 -0.86 -1.12
N ILE A 82 -7.29 -1.13 -0.77
CA ILE A 82 -6.15 -0.57 -1.48
C ILE A 82 -6.12 -0.94 -2.96
N GLY A 83 -6.41 -2.21 -3.25
CA GLY A 83 -6.39 -2.66 -4.62
C GLY A 83 -7.48 -2.05 -5.49
N TYR A 84 -8.71 -2.04 -4.95
CA TYR A 84 -9.85 -1.46 -5.66
C TYR A 84 -9.55 0.00 -5.99
N THR A 85 -9.16 0.75 -4.98
CA THR A 85 -8.84 2.15 -5.14
C THR A 85 -7.76 2.37 -6.18
N ALA A 86 -6.69 1.59 -6.10
CA ALA A 86 -5.60 1.72 -7.05
C ALA A 86 -6.01 1.39 -8.47
N LEU A 87 -6.52 0.18 -8.67
CA LEU A 87 -6.94 -0.30 -9.99
C LEU A 87 -7.98 0.58 -10.68
N SER A 88 -8.91 1.14 -9.91
CA SER A 88 -9.95 1.98 -10.49
C SER A 88 -9.37 3.12 -11.33
N GLU A 89 -8.07 3.34 -11.23
CA GLU A 89 -7.43 4.42 -11.98
C GLU A 89 -6.21 3.99 -12.80
N THR A 90 -5.50 2.95 -12.35
CA THR A 90 -4.30 2.48 -13.03
C THR A 90 -4.49 2.40 -14.53
N GLU A 91 -3.41 2.62 -15.28
CA GLU A 91 -3.46 2.59 -16.75
C GLU A 91 -3.21 1.21 -17.34
N SER A 92 -3.87 0.93 -18.46
CA SER A 92 -3.71 -0.35 -19.13
C SER A 92 -2.28 -0.44 -19.65
N PRO A 93 -1.74 -1.66 -19.72
CA PRO A 93 -2.46 -2.87 -19.31
C PRO A 93 -2.32 -3.09 -17.80
N ARG A 94 -3.43 -3.48 -17.16
CA ARG A 94 -3.41 -3.74 -15.73
C ARG A 94 -3.14 -5.21 -15.43
N LEU A 95 -2.46 -5.46 -14.31
CA LEU A 95 -2.17 -6.82 -13.83
C LEU A 95 -2.65 -6.84 -12.40
N PHE A 96 -3.58 -7.73 -12.07
CA PHE A 96 -4.05 -7.81 -10.68
C PHE A 96 -4.51 -9.23 -10.35
N SER A 97 -4.78 -9.47 -9.07
CA SER A 97 -5.21 -10.80 -8.63
C SER A 97 -6.49 -10.73 -7.82
N SER A 98 -7.12 -11.87 -7.60
CA SER A 98 -8.37 -11.92 -6.86
C SER A 98 -8.59 -13.32 -6.29
N HIS A 99 -9.31 -13.42 -5.20
CA HIS A 99 -9.59 -14.72 -4.60
C HIS A 99 -11.10 -14.97 -4.63
N LEU A 100 -11.82 -14.02 -5.21
CA LEU A 100 -13.27 -14.10 -5.29
C LEU A 100 -13.85 -15.30 -6.04
N PRO A 101 -14.85 -15.97 -5.45
CA PRO A 101 -15.45 -17.11 -6.15
C PRO A 101 -16.26 -16.46 -7.29
N ILE A 102 -16.64 -17.23 -8.31
CA ILE A 102 -17.34 -16.65 -9.46
C ILE A 102 -18.55 -15.72 -9.22
N GLN A 103 -19.35 -15.97 -8.18
CA GLN A 103 -20.52 -15.13 -7.95
C GLN A 103 -20.27 -13.77 -7.29
N LEU A 104 -19.02 -13.42 -7.03
CA LEU A 104 -18.70 -12.14 -6.41
C LEU A 104 -17.73 -11.39 -7.32
N PHE A 105 -17.32 -12.04 -8.39
CA PHE A 105 -16.38 -11.45 -9.31
C PHE A 105 -17.05 -10.35 -10.14
N PRO A 106 -16.27 -9.34 -10.59
CA PRO A 106 -16.83 -8.26 -11.41
C PRO A 106 -17.65 -8.80 -12.57
N LYS A 107 -18.93 -8.46 -12.59
CA LYS A 107 -19.81 -8.92 -13.64
C LYS A 107 -19.34 -8.40 -14.97
N SER A 108 -18.62 -7.28 -14.93
CA SER A 108 -18.11 -6.68 -16.15
C SER A 108 -17.17 -7.63 -16.88
N PHE A 109 -16.52 -8.51 -16.14
CA PHE A 109 -15.59 -9.47 -16.74
C PHE A 109 -16.18 -10.38 -17.80
N PHE A 110 -17.41 -10.82 -17.58
CA PHE A 110 -18.03 -11.76 -18.50
C PHE A 110 -18.30 -11.28 -19.91
N SER A 111 -18.33 -9.96 -20.13
CA SER A 111 -18.52 -9.44 -21.48
C SER A 111 -17.21 -8.79 -21.98
N SER A 112 -16.10 -9.13 -21.35
CA SER A 112 -14.79 -8.61 -21.72
C SER A 112 -13.94 -9.71 -22.34
N LYS A 113 -12.76 -9.33 -22.81
CA LYS A 113 -11.84 -10.29 -23.40
C LYS A 113 -10.60 -10.40 -22.51
N ALA A 114 -10.70 -9.86 -21.30
CA ALA A 114 -9.60 -9.92 -20.35
C ALA A 114 -9.13 -11.37 -20.12
N LYS A 115 -7.82 -11.55 -20.09
CA LYS A 115 -7.25 -12.86 -19.88
C LYS A 115 -7.07 -13.16 -18.40
N VAL A 116 -7.55 -14.32 -17.97
CA VAL A 116 -7.40 -14.71 -16.58
C VAL A 116 -6.69 -16.06 -16.47
N ILE A 117 -5.79 -16.16 -15.50
CA ILE A 117 -5.08 -17.40 -15.28
C ILE A 117 -5.59 -17.91 -13.94
N TYR A 118 -6.26 -19.05 -13.97
CA TYR A 118 -6.76 -19.65 -12.74
C TYR A 118 -5.74 -20.69 -12.27
N LEU A 119 -5.18 -20.48 -11.09
CA LEU A 119 -4.20 -21.41 -10.55
C LEU A 119 -4.84 -22.26 -9.46
N MET A 120 -4.82 -23.58 -9.63
CA MET A 120 -5.40 -24.48 -8.63
C MET A 120 -4.28 -25.27 -7.96
N ARG A 121 -4.53 -25.67 -6.71
CA ARG A 121 -3.56 -26.42 -5.94
C ARG A 121 -4.27 -27.55 -5.22
N ASN A 122 -3.55 -28.63 -4.93
CA ASN A 122 -4.15 -29.74 -4.21
C ASN A 122 -4.77 -29.18 -2.93
N PRO A 123 -6.08 -29.35 -2.74
CA PRO A 123 -6.70 -28.79 -1.54
C PRO A 123 -6.06 -29.17 -0.20
N ARG A 124 -5.47 -30.35 -0.12
CA ARG A 124 -4.84 -30.76 1.13
C ARG A 124 -3.65 -29.84 1.41
N ASP A 125 -2.86 -29.52 0.38
CA ASP A 125 -1.71 -28.65 0.57
C ASP A 125 -2.18 -27.21 0.83
N VAL A 126 -3.28 -26.83 0.21
CA VAL A 126 -3.84 -25.49 0.41
C VAL A 126 -4.25 -25.36 1.89
N LEU A 127 -4.93 -26.38 2.39
CA LEU A 127 -5.40 -26.42 3.76
C LEU A 127 -4.23 -26.17 4.69
N VAL A 128 -3.19 -26.99 4.56
CA VAL A 128 -2.02 -26.86 5.39
C VAL A 128 -1.43 -25.47 5.28
N SER A 129 -1.24 -24.99 4.05
CA SER A 129 -0.68 -23.66 3.84
C SER A 129 -1.49 -22.58 4.57
N GLY A 130 -2.80 -22.67 4.49
CA GLY A 130 -3.65 -21.70 5.17
C GLY A 130 -3.59 -21.82 6.69
N TYR A 131 -3.50 -23.05 7.18
CA TYR A 131 -3.43 -23.29 8.62
C TYR A 131 -2.25 -22.58 9.28
N PHE A 132 -1.04 -22.78 8.75
CA PHE A 132 0.12 -22.13 9.33
C PHE A 132 0.17 -20.63 9.09
N PHE A 133 -0.39 -20.19 7.96
CA PHE A 133 -0.39 -18.78 7.62
C PHE A 133 -1.42 -17.97 8.40
N TRP A 134 -2.66 -18.41 8.39
CA TRP A 134 -3.74 -17.71 9.09
C TRP A 134 -3.68 -17.84 10.62
N LYS A 135 -2.79 -18.71 11.11
CA LYS A 135 -2.63 -18.95 12.54
C LYS A 135 -2.45 -17.69 13.41
N ASN A 136 -1.31 -17.04 13.30
CA ASN A 136 -1.02 -15.83 14.08
C ASN A 136 -1.40 -14.56 13.31
N MET A 137 -2.41 -14.66 12.45
CA MET A 137 -2.86 -13.53 11.65
C MET A 137 -3.97 -12.81 12.40
N LYS A 138 -4.08 -11.50 12.20
CA LYS A 138 -5.12 -10.73 12.88
C LYS A 138 -6.28 -10.39 11.95
N PHE A 139 -7.39 -9.98 12.55
CA PHE A 139 -8.58 -9.58 11.81
C PHE A 139 -9.32 -10.71 11.11
N ILE A 140 -9.04 -11.94 11.52
CA ILE A 140 -9.70 -13.10 10.95
C ILE A 140 -10.05 -14.05 12.09
N LYS A 141 -11.13 -14.81 11.91
CA LYS A 141 -11.56 -15.76 12.92
C LYS A 141 -10.51 -16.87 12.98
N LYS A 142 -9.84 -17.04 14.13
CA LYS A 142 -8.80 -18.07 14.26
C LYS A 142 -9.38 -19.31 14.94
N PRO A 143 -9.05 -20.52 14.40
CA PRO A 143 -9.52 -21.80 14.93
C PRO A 143 -8.70 -22.16 16.17
N LYS A 144 -9.25 -23.00 17.05
CA LYS A 144 -8.57 -23.39 18.27
C LYS A 144 -7.46 -24.44 18.10
N SER A 145 -7.56 -25.26 17.06
CA SER A 145 -6.57 -26.31 16.84
C SER A 145 -6.53 -26.77 15.38
N TRP A 146 -5.56 -27.62 15.07
CA TRP A 146 -5.41 -28.17 13.72
C TRP A 146 -6.67 -28.95 13.38
N GLU A 147 -7.17 -29.70 14.36
CA GLU A 147 -8.38 -30.50 14.16
C GLU A 147 -9.58 -29.63 13.78
N GLU A 148 -9.73 -28.49 14.46
CA GLU A 148 -10.84 -27.60 14.17
C GLU A 148 -10.68 -26.92 12.81
N TYR A 149 -9.46 -26.47 12.50
CA TYR A 149 -9.20 -25.83 11.22
C TYR A 149 -9.53 -26.79 10.10
N PHE A 150 -9.12 -28.05 10.28
CA PHE A 150 -9.36 -29.08 9.29
C PHE A 150 -10.85 -29.19 9.04
N GLU A 151 -11.62 -29.19 10.12
CA GLU A 151 -13.08 -29.28 10.02
C GLU A 151 -13.63 -28.08 9.26
N TRP A 152 -13.21 -26.87 9.65
CA TRP A 152 -13.66 -25.64 9.01
C TRP A 152 -13.39 -25.66 7.52
N PHE A 153 -12.20 -26.10 7.12
CA PHE A 153 -11.84 -26.14 5.71
C PHE A 153 -12.74 -27.09 4.92
N CYS A 154 -12.98 -28.27 5.47
CA CYS A 154 -13.83 -29.24 4.79
C CYS A 154 -15.26 -28.76 4.64
N GLN A 155 -15.71 -27.88 5.52
CA GLN A 155 -17.06 -27.36 5.44
C GLN A 155 -17.21 -25.99 4.79
N GLY A 156 -16.07 -25.39 4.41
CA GLY A 156 -16.12 -24.10 3.75
C GLY A 156 -16.24 -22.88 4.63
N THR A 157 -16.22 -23.08 5.94
CA THR A 157 -16.32 -21.95 6.86
C THR A 157 -14.93 -21.36 7.15
N VAL A 158 -14.31 -20.84 6.09
CA VAL A 158 -13.00 -20.23 6.17
C VAL A 158 -13.00 -19.08 5.18
N LEU A 159 -11.94 -18.27 5.20
CA LEU A 159 -11.84 -17.14 4.28
C LEU A 159 -12.11 -17.60 2.86
N TYR A 160 -12.98 -16.84 2.20
CA TYR A 160 -13.36 -17.11 0.81
C TYR A 160 -14.15 -18.39 0.58
N GLY A 161 -14.71 -18.93 1.64
CA GLY A 161 -15.53 -20.11 1.53
C GLY A 161 -14.92 -21.42 1.09
N SER A 162 -15.79 -22.32 0.63
CA SER A 162 -15.43 -23.65 0.18
C SER A 162 -14.52 -23.74 -1.05
N TRP A 163 -13.42 -24.46 -0.92
CA TRP A 163 -12.48 -24.67 -2.01
C TRP A 163 -13.24 -25.37 -3.14
N PHE A 164 -14.10 -26.31 -2.76
CA PHE A 164 -14.88 -27.06 -3.73
C PHE A 164 -15.80 -26.15 -4.55
N ASP A 165 -16.52 -25.26 -3.86
CA ASP A 165 -17.41 -24.32 -4.55
C ASP A 165 -16.60 -23.38 -5.43
N HIS A 166 -15.50 -22.89 -4.88
CA HIS A 166 -14.65 -21.99 -5.62
C HIS A 166 -14.20 -22.64 -6.92
N ILE A 167 -13.75 -23.89 -6.82
CA ILE A 167 -13.30 -24.67 -7.98
C ILE A 167 -14.44 -24.90 -8.96
N HIS A 168 -15.59 -25.31 -8.44
CA HIS A 168 -16.76 -25.57 -9.28
C HIS A 168 -17.31 -24.37 -10.01
N GLY A 169 -17.42 -23.24 -9.32
CA GLY A 169 -17.95 -22.04 -9.94
C GLY A 169 -17.12 -21.54 -11.11
N TRP A 170 -15.80 -21.71 -11.04
CA TRP A 170 -14.93 -21.23 -12.09
C TRP A 170 -14.60 -22.19 -13.25
N MET A 171 -14.60 -23.50 -13.00
CA MET A 171 -14.27 -24.46 -14.05
C MET A 171 -15.07 -24.32 -15.34
N PRO A 172 -16.34 -23.90 -15.25
CA PRO A 172 -17.11 -23.76 -16.49
C PRO A 172 -16.48 -22.76 -17.49
N MET A 173 -15.66 -21.83 -16.99
CA MET A 173 -15.01 -20.84 -17.86
C MET A 173 -13.80 -21.41 -18.59
N ARG A 174 -13.30 -22.54 -18.08
CA ARG A 174 -12.13 -23.25 -18.58
C ARG A 174 -11.91 -23.32 -20.11
N GLU A 175 -12.94 -23.66 -20.88
CA GLU A 175 -12.75 -23.77 -22.31
C GLU A 175 -12.72 -22.45 -23.08
N GLU A 176 -12.99 -21.35 -22.39
CA GLU A 176 -12.97 -20.04 -23.03
C GLU A 176 -11.56 -19.68 -23.48
N LYS A 177 -11.48 -18.90 -24.55
CA LYS A 177 -10.20 -18.47 -25.13
C LYS A 177 -9.36 -17.65 -24.16
N ASN A 178 -10.02 -16.85 -23.32
CA ASN A 178 -9.33 -15.98 -22.39
C ASN A 178 -9.18 -16.53 -20.98
N PHE A 179 -9.15 -17.85 -20.86
CA PHE A 179 -9.02 -18.48 -19.55
C PHE A 179 -7.93 -19.55 -19.59
N LEU A 180 -6.93 -19.41 -18.73
CA LEU A 180 -5.84 -20.40 -18.68
C LEU A 180 -5.82 -21.10 -17.32
N LEU A 181 -5.88 -22.42 -17.32
CA LEU A 181 -5.88 -23.17 -16.07
C LEU A 181 -4.49 -23.74 -15.80
N LEU A 182 -3.95 -23.45 -14.62
CA LEU A 182 -2.64 -23.96 -14.23
C LEU A 182 -2.76 -24.58 -12.84
N SER A 183 -1.84 -25.48 -12.51
CA SER A 183 -1.85 -26.10 -11.19
C SER A 183 -0.51 -25.78 -10.54
N TYR A 184 -0.55 -25.60 -9.23
CA TYR A 184 0.66 -25.31 -8.47
C TYR A 184 1.63 -26.46 -8.72
N GLU A 185 1.08 -27.67 -8.80
CA GLU A 185 1.88 -28.87 -9.00
C GLU A 185 2.69 -28.87 -10.29
N GLU A 186 2.09 -28.47 -11.42
CA GLU A 186 2.84 -28.47 -12.66
C GLU A 186 3.83 -27.33 -12.70
N LEU A 187 3.53 -26.26 -11.97
CA LEU A 187 4.41 -25.11 -11.89
C LEU A 187 5.68 -25.50 -11.13
N LYS A 188 5.51 -26.34 -10.10
CA LYS A 188 6.63 -26.82 -9.28
C LYS A 188 7.40 -27.89 -10.04
N GLN A 189 6.69 -28.82 -10.69
CA GLN A 189 7.33 -29.90 -11.43
C GLN A 189 8.09 -29.47 -12.68
N ASP A 190 7.44 -28.65 -13.52
CA ASP A 190 8.11 -28.19 -14.73
C ASP A 190 7.85 -26.71 -14.90
N THR A 191 8.60 -25.91 -14.15
CA THR A 191 8.46 -24.47 -14.19
C THR A 191 8.68 -23.91 -15.60
N GLY A 192 9.78 -24.32 -16.22
CA GLY A 192 10.10 -23.83 -17.56
C GLY A 192 8.98 -24.09 -18.55
N ARG A 193 8.43 -25.29 -18.50
CA ARG A 193 7.36 -25.68 -19.40
C ARG A 193 6.09 -24.90 -19.10
N THR A 194 5.80 -24.71 -17.81
CA THR A 194 4.60 -23.98 -17.42
C THR A 194 4.72 -22.51 -17.84
N ILE A 195 5.90 -21.93 -17.73
CA ILE A 195 6.11 -20.55 -18.13
C ILE A 195 5.89 -20.38 -19.64
N GLU A 196 6.19 -21.43 -20.40
CA GLU A 196 5.99 -21.41 -21.84
C GLU A 196 4.48 -21.31 -22.12
N LYS A 197 3.71 -22.14 -21.43
CA LYS A 197 2.27 -22.15 -21.59
C LYS A 197 1.76 -20.73 -21.35
N ILE A 198 2.27 -20.09 -20.29
CA ILE A 198 1.85 -18.74 -19.97
C ILE A 198 2.27 -17.76 -21.08
N CYS A 199 3.51 -17.86 -21.55
CA CYS A 199 3.99 -16.98 -22.63
C CYS A 199 3.08 -17.19 -23.85
N GLN A 200 2.75 -18.45 -24.13
CA GLN A 200 1.90 -18.78 -25.27
C GLN A 200 0.50 -18.18 -25.07
N PHE A 201 0.01 -18.19 -23.84
CA PHE A 201 -1.29 -17.66 -23.49
C PHE A 201 -1.36 -16.13 -23.62
N LEU A 202 -0.36 -15.45 -23.09
CA LEU A 202 -0.32 -13.99 -23.11
C LEU A 202 0.37 -13.43 -24.35
N GLY A 203 0.80 -14.30 -25.25
CA GLY A 203 1.46 -13.83 -26.46
C GLY A 203 2.81 -13.20 -26.21
N LYS A 204 3.64 -13.86 -25.40
CA LYS A 204 4.96 -13.33 -25.11
C LYS A 204 6.03 -14.33 -25.53
N THR A 205 7.21 -13.82 -25.83
CA THR A 205 8.34 -14.68 -26.22
C THR A 205 9.53 -14.32 -25.34
N LEU A 206 10.34 -15.32 -25.01
CA LEU A 206 11.50 -15.10 -24.17
C LEU A 206 12.78 -15.72 -24.72
N GLU A 207 13.90 -15.03 -24.53
CA GLU A 207 15.20 -15.52 -24.96
C GLU A 207 15.63 -16.46 -23.82
N PRO A 208 16.49 -17.45 -24.13
CA PRO A 208 16.94 -18.38 -23.10
C PRO A 208 17.44 -17.70 -21.83
N GLU A 209 18.28 -16.68 -22.01
CA GLU A 209 18.84 -15.96 -20.86
C GLU A 209 17.75 -15.32 -20.01
N GLU A 210 16.67 -14.88 -20.66
CA GLU A 210 15.56 -14.24 -19.95
C GLU A 210 14.79 -15.26 -19.11
N LEU A 211 14.53 -16.43 -19.68
CA LEU A 211 13.82 -17.50 -18.98
C LEU A 211 14.64 -17.91 -17.76
N ASN A 212 15.95 -18.04 -17.94
CA ASN A 212 16.82 -18.42 -16.83
C ASN A 212 16.68 -17.43 -15.68
N LEU A 213 16.81 -16.14 -15.98
CA LEU A 213 16.68 -15.11 -14.95
C LEU A 213 15.36 -15.24 -14.22
N ILE A 214 14.30 -15.52 -14.98
CA ILE A 214 12.97 -15.67 -14.40
C ILE A 214 12.92 -16.86 -13.45
N LEU A 215 13.39 -18.02 -13.94
CA LEU A 215 13.39 -19.23 -13.12
C LEU A 215 14.17 -18.99 -11.84
N LYS A 216 15.31 -18.34 -11.99
CA LYS A 216 16.18 -18.03 -10.87
C LYS A 216 15.54 -17.05 -9.88
N ASN A 217 15.05 -15.94 -10.40
CA ASN A 217 14.44 -14.91 -9.58
C ASN A 217 13.04 -15.20 -9.02
N SER A 218 12.41 -16.28 -9.47
CA SER A 218 11.08 -16.62 -8.97
C SER A 218 11.16 -17.88 -8.12
N SER A 219 12.40 -18.32 -7.87
CA SER A 219 12.62 -19.51 -7.07
C SER A 219 12.15 -19.23 -5.65
N PHE A 220 11.85 -20.28 -4.90
CA PHE A 220 11.39 -20.11 -3.53
C PHE A 220 12.36 -19.27 -2.72
N GLN A 221 13.64 -19.67 -2.68
CA GLN A 221 14.63 -18.92 -1.91
C GLN A 221 14.79 -17.47 -2.37
N SER A 222 14.86 -17.26 -3.68
CA SER A 222 15.03 -15.91 -4.22
C SER A 222 13.90 -15.00 -3.77
N MET A 223 12.67 -15.49 -3.82
CA MET A 223 11.52 -14.69 -3.41
C MET A 223 11.49 -14.47 -1.90
N LYS A 224 11.88 -15.50 -1.15
CA LYS A 224 11.89 -15.43 0.30
C LYS A 224 12.86 -14.34 0.78
N GLU A 225 13.92 -14.12 0.01
CA GLU A 225 14.93 -13.13 0.36
C GLU A 225 14.63 -11.74 -0.21
N ASN A 226 13.52 -11.60 -0.93
CA ASN A 226 13.14 -10.33 -1.51
C ASN A 226 12.08 -9.62 -0.66
N LYS A 227 12.52 -8.62 0.10
CA LYS A 227 11.63 -7.86 0.97
C LYS A 227 10.38 -7.33 0.26
N MET A 228 10.53 -6.97 -1.01
CA MET A 228 9.41 -6.43 -1.78
C MET A 228 8.36 -7.48 -2.17
N SER A 229 8.77 -8.74 -2.29
CA SER A 229 7.86 -9.80 -2.69
C SER A 229 7.36 -10.66 -1.53
N ASN A 230 8.20 -10.82 -0.53
CA ASN A 230 7.81 -11.59 0.65
C ASN A 230 7.22 -10.53 1.57
N TYR A 231 6.21 -9.84 1.04
CA TYR A 231 5.52 -8.71 1.68
C TYR A 231 4.01 -8.79 1.48
N SER A 232 3.26 -9.02 2.56
CA SER A 232 1.80 -9.09 2.52
C SER A 232 1.19 -7.96 3.34
N LEU A 233 0.17 -7.30 2.81
CA LEU A 233 -0.48 -6.20 3.52
C LEU A 233 -1.47 -6.63 4.60
N LEU A 234 -1.64 -7.93 4.77
CA LEU A 234 -2.54 -8.43 5.81
C LEU A 234 -1.86 -8.16 7.15
N SER A 235 -2.64 -7.84 8.17
CA SER A 235 -2.10 -7.52 9.48
C SER A 235 -1.84 -8.74 10.37
N VAL A 236 -0.57 -9.09 10.51
CA VAL A 236 -0.19 -10.24 11.34
C VAL A 236 0.13 -9.77 12.75
N ASP A 237 -0.18 -10.60 13.74
CA ASP A 237 0.09 -10.25 15.14
C ASP A 237 1.60 -10.34 15.30
N TYR A 238 2.30 -9.23 15.04
CA TYR A 238 3.75 -9.22 15.15
C TYR A 238 4.27 -9.58 16.54
N VAL A 239 3.40 -9.47 17.54
CA VAL A 239 3.77 -9.80 18.90
C VAL A 239 3.86 -11.33 19.06
N VAL A 240 3.25 -12.05 18.12
CA VAL A 240 3.24 -13.51 18.12
C VAL A 240 4.21 -14.10 17.11
N ASP A 241 4.23 -13.55 15.89
CA ASP A 241 5.11 -14.04 14.84
C ASP A 241 5.36 -12.98 13.77
N GLN A 244 4.87 -15.47 7.98
CA GLN A 244 5.75 -16.15 7.03
C GLN A 244 5.04 -16.51 5.73
N LEU A 245 4.94 -15.55 4.81
CA LEU A 245 4.29 -15.77 3.53
C LEU A 245 4.88 -16.98 2.78
N LEU A 246 6.20 -17.07 2.70
CA LEU A 246 6.81 -18.22 2.03
C LEU A 246 7.25 -19.17 3.13
N ARG A 247 6.52 -20.27 3.28
CA ARG A 247 6.78 -21.26 4.31
C ARG A 247 7.77 -22.34 3.89
N LYS A 248 7.33 -23.29 3.07
CA LYS A 248 8.20 -24.37 2.58
C LYS A 248 8.31 -24.29 1.06
N GLY A 249 7.19 -23.97 0.42
CA GLY A 249 7.19 -23.85 -1.02
C GLY A 249 7.29 -25.16 -1.78
N VAL A 250 6.88 -26.26 -1.16
CA VAL A 250 6.94 -27.53 -1.88
C VAL A 250 5.54 -28.03 -2.12
N SER A 251 5.44 -29.29 -2.56
CA SER A 251 4.15 -29.89 -2.82
C SER A 251 4.07 -31.20 -2.06
N GLY A 252 2.91 -31.46 -1.45
CA GLY A 252 2.73 -32.69 -0.70
C GLY A 252 3.08 -32.62 0.77
N ASP A 253 3.19 -31.41 1.32
CA ASP A 253 3.51 -31.25 2.72
C ASP A 253 2.35 -31.68 3.60
N TRP A 254 1.19 -31.91 2.96
CA TRP A 254 0.01 -32.33 3.70
C TRP A 254 0.15 -33.71 4.34
N LYS A 255 1.05 -34.52 3.78
CA LYS A 255 1.26 -35.86 4.31
C LYS A 255 1.90 -35.81 5.69
N ASN A 256 2.62 -34.72 5.96
CA ASN A 256 3.27 -34.55 7.25
C ASN A 256 2.32 -34.02 8.34
N HIS A 257 1.10 -33.67 7.94
CA HIS A 257 0.15 -33.16 8.92
C HIS A 257 -1.18 -33.89 9.00
N PHE A 258 -1.62 -34.49 7.90
CA PHE A 258 -2.87 -35.23 7.87
C PHE A 258 -2.68 -36.56 8.57
N THR A 259 -3.56 -36.90 9.50
CA THR A 259 -3.46 -38.21 10.13
C THR A 259 -4.06 -39.12 9.05
N VAL A 260 -3.86 -40.42 9.18
CA VAL A 260 -4.40 -41.33 8.19
C VAL A 260 -5.92 -41.19 8.22
N ALA A 261 -6.47 -40.95 9.40
CA ALA A 261 -7.91 -40.80 9.55
C ALA A 261 -8.40 -39.58 8.78
N GLN A 262 -7.78 -38.44 9.02
CA GLN A 262 -8.13 -37.19 8.34
C GLN A 262 -8.02 -37.38 6.83
N ALA A 263 -6.97 -38.07 6.39
CA ALA A 263 -6.74 -38.32 4.97
C ALA A 263 -7.82 -39.19 4.31
N GLU A 264 -8.31 -40.18 5.04
CA GLU A 264 -9.36 -41.05 4.50
C GLU A 264 -10.69 -40.30 4.46
N ASP A 265 -10.91 -39.43 5.43
CA ASP A 265 -12.14 -38.66 5.47
C ASP A 265 -12.15 -37.70 4.29
N PHE A 266 -11.03 -37.02 4.12
CA PHE A 266 -10.90 -36.05 3.04
C PHE A 266 -11.06 -36.68 1.67
N ASP A 267 -10.42 -37.83 1.44
CA ASP A 267 -10.54 -38.50 0.15
C ASP A 267 -12.00 -38.80 -0.13
N LYS A 268 -12.73 -39.10 0.95
CA LYS A 268 -14.15 -39.40 0.84
C LYS A 268 -14.92 -38.15 0.47
N LEU A 269 -14.67 -37.07 1.19
CA LEU A 269 -15.34 -35.79 0.93
C LEU A 269 -15.02 -35.33 -0.49
N PHE A 270 -13.74 -35.41 -0.86
CA PHE A 270 -13.28 -34.98 -2.19
C PHE A 270 -13.92 -35.81 -3.28
N GLN A 271 -13.88 -37.13 -3.12
CA GLN A 271 -14.44 -38.06 -4.10
C GLN A 271 -15.89 -37.68 -4.37
N GLU A 272 -16.60 -37.30 -3.32
CA GLU A 272 -17.99 -36.91 -3.44
C GLU A 272 -18.12 -35.63 -4.27
N LYS A 273 -17.75 -34.51 -3.67
CA LYS A 273 -17.83 -33.19 -4.30
C LYS A 273 -17.32 -33.08 -5.74
N MET A 274 -16.21 -33.75 -6.04
CA MET A 274 -15.62 -33.70 -7.38
C MET A 274 -16.16 -34.74 -8.35
N ALA A 275 -17.31 -35.31 -8.04
CA ALA A 275 -17.91 -36.33 -8.90
C ALA A 275 -18.22 -35.85 -10.31
N ASP A 276 -18.82 -34.67 -10.42
CA ASP A 276 -19.21 -34.10 -11.71
C ASP A 276 -18.11 -33.44 -12.56
N LEU A 277 -16.87 -33.45 -12.06
CA LEU A 277 -15.77 -32.84 -12.81
C LEU A 277 -14.80 -33.87 -13.39
N PRO A 278 -14.18 -33.54 -14.55
CA PRO A 278 -13.23 -34.42 -15.24
C PRO A 278 -12.19 -35.04 -14.32
N ARG A 279 -11.87 -36.30 -14.57
CA ARG A 279 -10.86 -36.99 -13.74
C ARG A 279 -9.47 -36.45 -14.05
N LYS A 280 -9.26 -36.02 -15.29
CA LYS A 280 -7.97 -35.46 -15.69
C LYS A 280 -7.69 -34.24 -14.83
N LEU A 281 -8.76 -33.59 -14.38
CA LEU A 281 -8.68 -32.40 -13.54
C LEU A 281 -8.05 -32.75 -12.19
N ALA A 282 -8.56 -33.80 -11.56
CA ALA A 282 -8.06 -34.24 -10.26
C ALA A 282 -6.65 -34.82 -10.35
N ALA A 283 -6.28 -35.32 -11.52
CA ALA A 283 -4.95 -35.90 -11.72
C ALA A 283 -3.85 -34.85 -11.67
N ALA A 284 -4.16 -33.66 -12.17
CA ALA A 284 -3.20 -32.55 -12.20
C ALA A 284 -2.99 -31.90 -10.83
N LEU A 285 -3.47 -32.54 -9.78
CA LEU A 285 -3.33 -32.00 -8.44
C LEU A 285 -2.39 -32.84 -7.56
N GLU A 286 -1.82 -33.90 -8.14
CA GLU A 286 -0.91 -34.78 -7.42
C GLU A 286 0.52 -34.24 -7.44
N ASP B 4 -3.22 14.76 -15.94
CA ASP B 4 -3.81 16.01 -15.38
C ASP B 4 -4.17 15.86 -13.90
N PHE B 5 -4.38 16.97 -13.22
CA PHE B 5 -4.73 16.95 -11.80
C PHE B 5 -6.24 16.84 -11.59
N LEU B 6 -6.63 16.55 -10.35
CA LEU B 6 -8.03 16.49 -9.96
C LEU B 6 -8.22 17.82 -9.29
N TRP B 7 -8.91 18.76 -9.94
CA TRP B 7 -9.13 20.07 -9.36
C TRP B 7 -10.33 20.16 -8.43
N PHE B 8 -10.09 20.64 -7.21
CA PHE B 8 -11.13 20.79 -6.20
C PHE B 8 -10.91 22.11 -5.49
N GLU B 9 -11.87 23.02 -5.62
CA GLU B 9 -11.77 24.32 -4.98
C GLU B 9 -10.48 25.07 -5.33
N GLY B 10 -10.07 25.01 -6.60
CA GLY B 10 -8.87 25.71 -7.02
C GLY B 10 -7.54 25.10 -6.64
N ILE B 11 -7.56 23.95 -6.00
CA ILE B 11 -6.31 23.28 -5.60
C ILE B 11 -6.14 21.95 -6.35
N ALA B 12 -4.91 21.62 -6.69
CA ALA B 12 -4.65 20.38 -7.42
C ALA B 12 -4.38 19.19 -6.50
N PHE B 13 -5.00 18.06 -6.83
CA PHE B 13 -4.82 16.82 -6.07
C PHE B 13 -4.48 15.70 -7.04
N PRO B 14 -4.04 14.55 -6.52
CA PRO B 14 -3.71 13.42 -7.40
C PRO B 14 -4.98 12.85 -8.05
N THR B 15 -4.83 12.28 -9.23
CA THR B 15 -5.95 11.70 -9.96
C THR B 15 -6.56 10.49 -9.27
N MET B 16 -5.72 9.64 -8.69
CA MET B 16 -6.25 8.47 -8.01
C MET B 16 -6.07 8.59 -6.51
N GLY B 17 -7.00 7.98 -5.76
CA GLY B 17 -6.92 8.01 -4.32
C GLY B 17 -7.71 9.13 -3.66
N PHE B 18 -8.22 10.06 -4.46
CA PHE B 18 -8.99 11.19 -3.94
C PHE B 18 -10.24 11.47 -4.73
N ARG B 19 -11.34 11.74 -4.02
CA ARG B 19 -12.62 12.04 -4.64
C ARG B 19 -13.15 13.37 -4.14
N SER B 20 -13.64 14.20 -5.06
CA SER B 20 -14.19 15.50 -4.71
C SER B 20 -15.27 15.34 -3.64
N GLU B 21 -16.04 14.26 -3.73
CA GLU B 21 -17.11 14.00 -2.77
C GLU B 21 -16.53 13.88 -1.36
N THR B 22 -15.37 13.23 -1.26
CA THR B 22 -14.71 13.04 0.03
C THR B 22 -14.05 14.33 0.52
N LEU B 23 -13.41 15.05 -0.40
CA LEU B 23 -12.77 16.32 -0.05
C LEU B 23 -13.82 17.24 0.53
N ARG B 24 -14.99 17.25 -0.09
CA ARG B 24 -16.09 18.09 0.37
C ARG B 24 -16.52 17.67 1.78
N LYS B 25 -16.58 16.36 2.03
CA LYS B 25 -16.97 15.85 3.35
C LYS B 25 -15.90 16.14 4.39
N VAL B 26 -14.65 16.11 3.95
CA VAL B 26 -13.54 16.39 4.85
C VAL B 26 -13.81 17.75 5.49
N ARG B 27 -14.18 18.71 4.65
CA ARG B 27 -14.45 20.08 5.07
C ARG B 27 -15.68 20.28 5.96
N ASP B 28 -16.86 19.88 5.50
CA ASP B 28 -18.04 20.11 6.34
C ASP B 28 -18.63 18.95 7.11
N GLU B 29 -18.01 17.78 7.05
CA GLU B 29 -18.56 16.64 7.78
C GLU B 29 -17.63 15.92 8.73
N PHE B 30 -16.41 15.60 8.27
CA PHE B 30 -15.45 14.89 9.10
C PHE B 30 -15.40 15.48 10.51
N VAL B 31 -15.45 14.62 11.51
CA VAL B 31 -15.43 15.05 12.90
C VAL B 31 -14.02 14.96 13.51
N ILE B 32 -13.50 16.09 13.98
CA ILE B 32 -12.18 16.11 14.60
C ILE B 32 -12.42 15.91 16.08
N ARG B 33 -11.67 15.02 16.70
CA ARG B 33 -11.81 14.75 18.11
C ARG B 33 -10.75 15.49 18.90
N ASP B 34 -11.09 15.87 20.12
CA ASP B 34 -10.17 16.57 20.98
C ASP B 34 -8.88 15.80 21.24
N GLU B 35 -8.96 14.46 21.20
CA GLU B 35 -7.79 13.62 21.44
C GLU B 35 -6.90 13.41 20.22
N ASP B 36 -7.34 13.88 19.06
CA ASP B 36 -6.56 13.75 17.83
C ASP B 36 -5.23 14.51 17.85
N VAL B 37 -4.23 13.95 17.17
CA VAL B 37 -2.92 14.59 17.03
C VAL B 37 -2.74 14.63 15.52
N ILE B 38 -2.64 15.83 14.98
CA ILE B 38 -2.57 15.96 13.53
C ILE B 38 -1.32 16.62 12.98
N ILE B 39 -0.77 16.02 11.93
CA ILE B 39 0.42 16.55 11.27
C ILE B 39 -0.01 17.33 10.04
N LEU B 40 0.42 18.58 9.96
CA LEU B 40 0.08 19.43 8.82
C LEU B 40 1.33 19.87 8.09
N THR B 41 1.36 19.66 6.78
CA THR B 41 2.53 20.05 6.03
C THR B 41 2.18 20.30 4.59
N TYR B 42 2.99 21.13 3.96
CA TYR B 42 2.82 21.35 2.54
C TYR B 42 3.64 20.14 2.08
N PRO B 43 3.16 19.38 1.09
CA PRO B 43 3.90 18.20 0.63
C PRO B 43 5.41 18.40 0.42
N LYS B 44 6.16 17.40 0.87
CA LYS B 44 7.62 17.33 0.77
C LYS B 44 8.38 18.18 1.77
N SER B 45 7.75 18.44 2.92
CA SER B 45 8.38 19.24 3.95
C SER B 45 8.89 18.35 5.09
N GLY B 46 8.62 17.05 5.01
CA GLY B 46 9.06 16.13 6.05
C GLY B 46 7.96 15.43 6.84
N THR B 47 6.80 15.30 6.21
CA THR B 47 5.61 14.67 6.78
C THR B 47 5.90 13.30 7.40
N ASN B 48 6.47 12.40 6.60
CA ASN B 48 6.77 11.04 7.06
C ASN B 48 7.82 10.98 8.15
N TRP B 49 8.78 11.90 8.10
CA TRP B 49 9.80 11.94 9.13
C TRP B 49 9.07 12.22 10.45
N LEU B 50 8.26 13.26 10.47
CA LEU B 50 7.54 13.61 11.69
C LEU B 50 6.60 12.51 12.17
N ALA B 51 5.94 11.85 11.23
CA ALA B 51 5.03 10.77 11.56
C ALA B 51 5.80 9.63 12.24
N GLU B 52 6.96 9.29 11.68
CA GLU B 52 7.76 8.23 12.25
C GLU B 52 8.15 8.59 13.68
N ILE B 53 8.50 9.86 13.88
CA ILE B 53 8.87 10.33 15.20
C ILE B 53 7.70 10.20 16.18
N LEU B 54 6.52 10.65 15.75
CA LEU B 54 5.33 10.57 16.58
C LEU B 54 4.98 9.12 16.91
N CYS B 55 5.17 8.24 15.93
CA CYS B 55 4.90 6.83 16.15
C CYS B 55 5.88 6.25 17.18
N LEU B 56 7.17 6.56 17.00
CA LEU B 56 8.17 6.07 17.92
C LEU B 56 7.93 6.63 19.32
N MET B 57 7.46 7.88 19.40
CA MET B 57 7.19 8.49 20.68
C MET B 57 6.11 7.70 21.41
N HIS B 58 5.17 7.19 20.64
CA HIS B 58 4.08 6.39 21.17
C HIS B 58 4.61 5.02 21.59
N SER B 59 5.52 4.47 20.78
CA SER B 59 6.10 3.15 21.05
C SER B 59 7.25 3.20 22.04
N LYS B 60 7.54 4.39 22.56
CA LYS B 60 8.62 4.58 23.52
C LYS B 60 9.96 4.16 22.95
N GLY B 61 10.14 4.36 21.66
CA GLY B 61 11.41 4.02 21.03
C GLY B 61 11.48 2.62 20.45
N ASP B 62 10.56 1.76 20.88
CA ASP B 62 10.53 0.39 20.39
C ASP B 62 10.26 0.45 18.90
N ALA B 63 10.94 -0.39 18.13
CA ALA B 63 10.80 -0.41 16.68
C ALA B 63 9.95 -1.52 16.08
N LYS B 64 9.43 -2.41 16.92
CA LYS B 64 8.63 -3.53 16.44
C LYS B 64 7.42 -3.10 15.60
N TRP B 65 6.55 -2.30 16.21
CA TRP B 65 5.34 -1.79 15.58
C TRP B 65 5.56 -1.04 14.27
N ILE B 66 6.44 -0.04 14.27
CA ILE B 66 6.70 0.74 13.07
C ILE B 66 7.35 -0.11 11.98
N GLN B 67 7.92 -1.24 12.34
CA GLN B 67 8.55 -2.10 11.35
C GLN B 67 7.61 -3.21 10.88
N SER B 68 6.45 -3.30 11.52
CA SER B 68 5.47 -4.32 11.19
C SER B 68 4.27 -3.77 10.44
N VAL B 69 3.89 -2.52 10.74
CA VAL B 69 2.75 -1.90 10.09
C VAL B 69 3.21 -0.77 9.18
N PRO B 70 2.66 -0.67 7.96
CA PRO B 70 3.07 0.41 7.07
C PRO B 70 2.72 1.79 7.64
N ILE B 71 3.61 2.75 7.42
CA ILE B 71 3.44 4.11 7.93
C ILE B 71 2.09 4.77 7.56
N TRP B 72 1.64 4.60 6.32
CA TRP B 72 0.38 5.21 5.90
C TRP B 72 -0.82 4.63 6.67
N GLU B 73 -0.56 3.61 7.48
CA GLU B 73 -1.60 2.97 8.28
C GLU B 73 -1.48 3.47 9.72
N ARG B 74 -0.27 3.80 10.11
CA ARG B 74 -0.02 4.31 11.46
C ARG B 74 -0.40 5.78 11.51
N SER B 75 -0.25 6.47 10.38
CA SER B 75 -0.57 7.88 10.27
C SER B 75 -1.24 8.14 8.93
N PRO B 76 -2.52 7.75 8.81
CA PRO B 76 -3.28 7.95 7.58
C PRO B 76 -3.38 9.39 7.10
N TRP B 77 -3.53 9.51 5.78
CA TRP B 77 -3.65 10.77 5.06
C TRP B 77 -5.16 11.06 5.06
N VAL B 78 -5.61 11.94 5.95
CA VAL B 78 -7.05 12.21 6.09
C VAL B 78 -7.89 12.52 4.86
N GLU B 79 -7.36 13.29 3.92
CA GLU B 79 -8.12 13.63 2.73
C GLU B 79 -8.15 12.55 1.64
N SER B 80 -7.36 11.49 1.81
CA SER B 80 -7.35 10.41 0.81
C SER B 80 -8.50 9.44 1.09
N GLU B 81 -9.00 8.80 0.04
CA GLU B 81 -10.10 7.84 0.17
C GLU B 81 -9.82 6.84 1.29
N ILE B 82 -8.64 6.23 1.23
CA ILE B 82 -8.25 5.25 2.22
C ILE B 82 -8.22 5.84 3.63
N GLY B 83 -7.51 6.97 3.77
CA GLY B 83 -7.39 7.61 5.05
C GLY B 83 -8.69 8.08 5.67
N TYR B 84 -9.58 8.62 4.84
CA TYR B 84 -10.86 9.11 5.34
C TYR B 84 -11.66 7.99 5.98
N THR B 85 -11.91 6.93 5.21
CA THR B 85 -12.67 5.79 5.69
C THR B 85 -12.04 5.16 6.93
N ALA B 86 -10.72 4.99 6.89
CA ALA B 86 -9.99 4.39 8.01
C ALA B 86 -10.16 5.18 9.31
N LEU B 87 -9.89 6.48 9.25
CA LEU B 87 -9.98 7.34 10.42
C LEU B 87 -11.38 7.37 11.05
N SER B 88 -12.40 7.36 10.21
CA SER B 88 -13.78 7.39 10.66
C SER B 88 -14.10 6.20 11.56
N GLU B 89 -13.31 5.14 11.45
CA GLU B 89 -13.50 3.93 12.23
C GLU B 89 -12.37 3.62 13.22
N THR B 90 -11.42 4.54 13.36
CA THR B 90 -10.31 4.31 14.27
C THR B 90 -10.63 4.85 15.66
N GLU B 91 -10.19 4.12 16.69
CA GLU B 91 -10.44 4.56 18.06
C GLU B 91 -9.41 5.58 18.53
N SER B 92 -9.86 6.51 19.36
CA SER B 92 -8.97 7.53 19.89
C SER B 92 -7.96 6.80 20.79
N PRO B 93 -6.75 7.36 20.92
CA PRO B 93 -6.34 8.60 20.26
C PRO B 93 -5.93 8.34 18.81
N ARG B 94 -6.37 9.20 17.91
CA ARG B 94 -6.02 9.06 16.50
C ARG B 94 -4.80 9.92 16.12
N LEU B 95 -3.99 9.40 15.21
CA LEU B 95 -2.82 10.11 14.72
C LEU B 95 -2.91 10.10 13.21
N PHE B 96 -2.91 11.28 12.60
CA PHE B 96 -2.98 11.35 11.15
C PHE B 96 -2.39 12.64 10.59
N SER B 97 -2.28 12.70 9.27
CA SER B 97 -1.70 13.88 8.63
C SER B 97 -2.59 14.47 7.55
N SER B 98 -2.17 15.61 7.03
CA SER B 98 -2.91 16.31 6.02
C SER B 98 -2.01 17.37 5.40
N HIS B 99 -2.22 17.64 4.12
CA HIS B 99 -1.43 18.63 3.39
C HIS B 99 -2.37 19.76 2.99
N LEU B 100 -3.64 19.63 3.39
CA LEU B 100 -4.64 20.60 3.03
C LEU B 100 -4.39 22.04 3.48
N PRO B 101 -4.59 23.02 2.58
CA PRO B 101 -4.38 24.40 3.03
C PRO B 101 -5.58 24.65 3.97
N ILE B 102 -5.43 25.61 4.89
CA ILE B 102 -6.45 25.86 5.89
C ILE B 102 -7.92 26.01 5.43
N GLN B 103 -8.15 26.58 4.26
CA GLN B 103 -9.54 26.77 3.78
C GLN B 103 -10.25 25.46 3.44
N LEU B 104 -9.51 24.38 3.25
CA LEU B 104 -10.11 23.08 2.93
C LEU B 104 -10.12 22.13 4.13
N PHE B 105 -9.41 22.50 5.19
CA PHE B 105 -9.30 21.65 6.38
C PHE B 105 -10.64 21.49 7.09
N PRO B 106 -10.87 20.34 7.73
CA PRO B 106 -12.15 20.10 8.44
C PRO B 106 -12.52 21.29 9.34
N LYS B 107 -13.69 21.86 9.13
CA LYS B 107 -14.08 23.00 9.95
C LYS B 107 -14.33 22.62 11.40
N SER B 108 -14.65 21.34 11.65
CA SER B 108 -14.91 20.91 13.02
C SER B 108 -13.62 21.01 13.84
N PHE B 109 -12.49 21.20 13.16
CA PHE B 109 -11.23 21.33 13.89
C PHE B 109 -11.12 22.64 14.67
N PHE B 110 -11.49 23.75 14.04
CA PHE B 110 -11.36 25.06 14.66
C PHE B 110 -12.12 25.34 15.95
N SER B 111 -13.00 24.44 16.35
CA SER B 111 -13.72 24.62 17.61
C SER B 111 -13.33 23.51 18.57
N SER B 112 -12.38 22.69 18.14
CA SER B 112 -11.89 21.56 18.94
C SER B 112 -10.67 21.90 19.79
N LYS B 113 -10.12 20.87 20.43
CA LYS B 113 -8.93 20.99 21.28
C LYS B 113 -7.82 20.07 20.74
N ALA B 114 -8.08 19.45 19.57
CA ALA B 114 -7.10 18.58 18.95
C ALA B 114 -5.78 19.34 18.76
N LYS B 115 -4.67 18.66 18.95
CA LYS B 115 -3.37 19.31 18.80
C LYS B 115 -2.80 19.04 17.42
N VAL B 116 -2.37 20.11 16.74
CA VAL B 116 -1.77 19.97 15.42
C VAL B 116 -0.34 20.52 15.42
N ILE B 117 0.51 19.85 14.65
CA ILE B 117 1.91 20.24 14.51
C ILE B 117 2.11 20.63 13.05
N TYR B 118 2.39 21.90 12.81
CA TYR B 118 2.61 22.36 11.44
C TYR B 118 4.11 22.38 11.17
N LEU B 119 4.54 21.60 10.20
CA LEU B 119 5.94 21.53 9.85
C LEU B 119 6.21 22.27 8.56
N MET B 120 7.03 23.32 8.62
CA MET B 120 7.40 24.07 7.41
C MET B 120 8.85 23.79 7.05
N ARG B 121 9.17 23.91 5.77
CA ARG B 121 10.52 23.66 5.28
C ARG B 121 10.85 24.73 4.26
N ASN B 122 12.13 24.99 4.05
CA ASN B 122 12.54 25.98 3.06
C ASN B 122 11.87 25.60 1.74
N PRO B 123 11.11 26.52 1.14
CA PRO B 123 10.43 26.24 -0.13
C PRO B 123 11.34 25.77 -1.26
N ARG B 124 12.60 26.19 -1.22
CA ARG B 124 13.54 25.78 -2.24
C ARG B 124 13.79 24.29 -2.11
N ASP B 125 14.02 23.82 -0.89
CA ASP B 125 14.25 22.40 -0.66
C ASP B 125 12.98 21.61 -0.92
N VAL B 126 11.83 22.22 -0.66
CA VAL B 126 10.56 21.56 -0.88
C VAL B 126 10.39 21.35 -2.40
N LEU B 127 10.74 22.38 -3.16
CA LEU B 127 10.64 22.32 -4.60
C LEU B 127 11.50 21.18 -5.17
N VAL B 128 12.78 21.17 -4.83
CA VAL B 128 13.67 20.12 -5.30
C VAL B 128 13.15 18.76 -4.90
N SER B 129 12.84 18.60 -3.61
CA SER B 129 12.33 17.34 -3.10
C SER B 129 11.14 16.84 -3.91
N GLY B 130 10.22 17.77 -4.19
CA GLY B 130 9.04 17.44 -4.97
C GLY B 130 9.35 17.09 -6.41
N TYR B 131 10.22 17.88 -7.04
CA TYR B 131 10.58 17.62 -8.42
C TYR B 131 11.08 16.20 -8.65
N PHE B 132 11.95 15.71 -7.77
CA PHE B 132 12.49 14.37 -7.93
C PHE B 132 11.53 13.28 -7.46
N PHE B 133 10.57 13.64 -6.63
CA PHE B 133 9.63 12.63 -6.17
C PHE B 133 8.42 12.45 -7.10
N TRP B 134 7.85 13.57 -7.56
CA TRP B 134 6.69 13.55 -8.46
C TRP B 134 7.13 13.25 -9.89
N LYS B 135 8.36 13.60 -10.21
CA LYS B 135 8.92 13.43 -11.56
C LYS B 135 8.38 12.24 -12.33
N ASN B 136 8.47 11.04 -11.76
CA ASN B 136 8.00 9.83 -12.43
C ASN B 136 6.55 9.47 -12.07
N MET B 137 6.15 9.83 -10.86
CA MET B 137 4.81 9.55 -10.36
C MET B 137 3.67 9.58 -11.38
N LYS B 138 2.71 8.70 -11.15
CA LYS B 138 1.54 8.59 -12.02
C LYS B 138 0.37 9.27 -11.30
N PHE B 139 -0.71 9.50 -12.04
CA PHE B 139 -1.92 10.11 -11.49
C PHE B 139 -1.79 11.61 -11.19
N ILE B 140 -0.74 12.24 -11.70
CA ILE B 140 -0.54 13.67 -11.51
C ILE B 140 0.10 14.25 -12.76
N LYS B 141 -0.13 15.53 -13.03
CA LYS B 141 0.43 16.16 -14.21
C LYS B 141 1.95 16.20 -14.09
N LYS B 142 2.62 15.72 -15.14
CA LYS B 142 4.09 15.67 -15.17
C LYS B 142 4.65 16.88 -15.92
N PRO B 143 5.59 17.61 -15.29
CA PRO B 143 6.23 18.78 -15.89
C PRO B 143 7.16 18.35 -17.01
N LYS B 144 7.24 19.17 -18.04
CA LYS B 144 8.10 18.89 -19.20
C LYS B 144 9.58 18.83 -18.82
N SER B 145 9.98 19.65 -17.86
CA SER B 145 11.37 19.71 -17.45
C SER B 145 11.55 20.37 -16.09
N TRP B 146 12.81 20.53 -15.69
CA TRP B 146 13.17 21.17 -14.43
C TRP B 146 12.74 22.63 -14.47
N GLU B 147 12.97 23.29 -15.61
CA GLU B 147 12.60 24.69 -15.79
C GLU B 147 11.10 24.86 -15.59
N GLU B 148 10.34 23.94 -16.17
CA GLU B 148 8.89 23.99 -16.07
C GLU B 148 8.43 23.73 -14.65
N TYR B 149 8.98 22.71 -14.00
CA TYR B 149 8.56 22.42 -12.63
C TYR B 149 8.84 23.64 -11.77
N PHE B 150 10.00 24.25 -11.96
CA PHE B 150 10.37 25.43 -11.19
C PHE B 150 9.29 26.49 -11.36
N GLU B 151 8.86 26.67 -12.61
CA GLU B 151 7.85 27.66 -12.96
C GLU B 151 6.53 27.31 -12.28
N TRP B 152 6.11 26.06 -12.46
CA TRP B 152 4.86 25.58 -11.86
C TRP B 152 4.83 25.81 -10.36
N PHE B 153 5.94 25.50 -9.68
CA PHE B 153 6.02 25.66 -8.24
C PHE B 153 5.89 27.12 -7.84
N CYS B 154 6.56 27.99 -8.56
CA CYS B 154 6.52 29.42 -8.28
C CYS B 154 5.13 30.00 -8.46
N GLN B 155 4.40 29.49 -9.44
CA GLN B 155 3.06 29.99 -9.70
C GLN B 155 1.98 29.24 -8.93
N GLY B 156 2.41 28.28 -8.11
CA GLY B 156 1.48 27.51 -7.31
C GLY B 156 0.63 26.52 -8.08
N THR B 157 0.94 26.34 -9.37
CA THR B 157 0.18 25.40 -10.17
C THR B 157 0.77 24.01 -10.04
N VAL B 158 0.80 23.52 -8.80
CA VAL B 158 1.33 22.19 -8.48
C VAL B 158 0.43 21.57 -7.44
N LEU B 159 0.72 20.33 -7.04
CA LEU B 159 -0.08 19.64 -6.04
C LEU B 159 -0.24 20.46 -4.77
N TYR B 160 -1.48 20.65 -4.36
CA TYR B 160 -1.80 21.40 -3.15
C TYR B 160 -1.55 22.90 -3.22
N GLY B 161 -1.56 23.45 -4.42
CA GLY B 161 -1.38 24.89 -4.60
C GLY B 161 -0.11 25.54 -4.10
N SER B 162 -0.09 26.86 -4.18
CA SER B 162 1.03 27.68 -3.78
C SER B 162 1.51 27.45 -2.34
N TRP B 163 2.82 27.27 -2.20
CA TRP B 163 3.43 27.08 -0.90
C TRP B 163 3.21 28.37 -0.09
N PHE B 164 3.27 29.52 -0.78
CA PHE B 164 3.08 30.80 -0.10
C PHE B 164 1.68 30.96 0.49
N ASP B 165 0.66 30.57 -0.26
CA ASP B 165 -0.72 30.66 0.24
C ASP B 165 -0.88 29.68 1.41
N HIS B 166 -0.35 28.48 1.22
CA HIS B 166 -0.43 27.45 2.23
C HIS B 166 0.10 27.96 3.58
N ILE B 167 1.26 28.60 3.53
CA ILE B 167 1.89 29.15 4.73
C ILE B 167 1.06 30.26 5.34
N HIS B 168 0.64 31.21 4.51
CA HIS B 168 -0.17 32.35 4.96
C HIS B 168 -1.50 31.94 5.61
N GLY B 169 -2.14 30.92 5.06
CA GLY B 169 -3.41 30.48 5.58
C GLY B 169 -3.32 29.84 6.96
N TRP B 170 -2.18 29.20 7.24
CA TRP B 170 -2.01 28.52 8.52
C TRP B 170 -1.30 29.32 9.60
N MET B 171 -0.47 30.29 9.21
CA MET B 171 0.25 31.07 10.21
C MET B 171 -0.64 31.73 11.28
N PRO B 172 -1.87 32.13 10.91
CA PRO B 172 -2.74 32.76 11.89
C PRO B 172 -3.01 31.88 13.12
N MET B 173 -2.73 30.59 13.00
CA MET B 173 -2.92 29.64 14.11
C MET B 173 -1.70 29.64 15.03
N ARG B 174 -0.57 30.10 14.49
CA ARG B 174 0.70 30.14 15.19
C ARG B 174 0.64 30.34 16.70
N GLU B 175 -0.19 31.26 17.16
CA GLU B 175 -0.24 31.49 18.60
C GLU B 175 -1.29 30.74 19.41
N GLU B 176 -2.15 29.98 18.73
CA GLU B 176 -3.16 29.19 19.43
C GLU B 176 -2.43 28.11 20.22
N LYS B 177 -2.97 27.75 21.38
CA LYS B 177 -2.34 26.75 22.26
C LYS B 177 -2.25 25.32 21.74
N ASN B 178 -3.22 24.90 20.93
CA ASN B 178 -3.23 23.55 20.40
C ASN B 178 -2.55 23.49 19.03
N PHE B 179 -1.62 24.41 18.81
CA PHE B 179 -0.92 24.49 17.54
C PHE B 179 0.58 24.60 17.78
N LEU B 180 1.35 23.70 17.18
CA LEU B 180 2.81 23.73 17.34
C LEU B 180 3.46 23.89 15.98
N LEU B 181 4.26 24.95 15.82
CA LEU B 181 4.96 25.19 14.56
C LEU B 181 6.41 24.73 14.67
N LEU B 182 6.85 23.93 13.69
CA LEU B 182 8.22 23.42 13.66
C LEU B 182 8.78 23.61 12.26
N SER B 183 10.10 23.64 12.17
CA SER B 183 10.72 23.77 10.85
C SER B 183 11.63 22.56 10.61
N TYR B 184 11.60 22.07 9.39
CA TYR B 184 12.43 20.94 8.98
C TYR B 184 13.87 21.20 9.37
N GLU B 185 14.32 22.42 9.12
CA GLU B 185 15.69 22.80 9.43
C GLU B 185 16.07 22.66 10.91
N GLU B 186 15.14 22.98 11.82
CA GLU B 186 15.46 22.86 13.25
C GLU B 186 15.43 21.39 13.66
N LEU B 187 14.58 20.62 13.01
CA LEU B 187 14.47 19.20 13.31
C LEU B 187 15.81 18.58 12.91
N LYS B 188 16.37 19.06 11.80
CA LYS B 188 17.65 18.58 11.30
C LYS B 188 18.79 19.07 12.18
N GLN B 189 18.83 20.38 12.43
CA GLN B 189 19.87 20.99 13.25
C GLN B 189 20.02 20.32 14.63
N ASP B 190 18.90 20.08 15.31
CA ASP B 190 18.93 19.44 16.63
C ASP B 190 17.65 18.67 16.86
N THR B 191 17.62 17.43 16.38
CA THR B 191 16.46 16.58 16.51
C THR B 191 16.08 16.37 17.98
N GLY B 192 17.07 16.10 18.81
CA GLY B 192 16.80 15.88 20.22
C GLY B 192 16.00 17.03 20.82
N ARG B 193 16.42 18.26 20.56
CA ARG B 193 15.73 19.43 21.08
C ARG B 193 14.31 19.56 20.57
N THR B 194 14.12 19.34 19.27
CA THR B 194 12.80 19.43 18.65
C THR B 194 11.85 18.39 19.24
N ILE B 195 12.35 17.19 19.45
CA ILE B 195 11.53 16.14 20.03
C ILE B 195 11.15 16.56 21.44
N GLU B 196 12.08 17.18 22.13
CA GLU B 196 11.82 17.65 23.48
C GLU B 196 10.63 18.62 23.39
N LYS B 197 10.66 19.54 22.41
CA LYS B 197 9.59 20.51 22.23
C LYS B 197 8.25 19.82 21.96
N ILE B 198 8.30 18.81 21.10
CA ILE B 198 7.08 18.06 20.78
C ILE B 198 6.51 17.39 22.04
N CYS B 199 7.39 16.81 22.85
CA CYS B 199 6.96 16.16 24.09
C CYS B 199 6.25 17.14 24.99
N GLN B 200 6.84 18.33 25.10
CA GLN B 200 6.29 19.37 25.94
C GLN B 200 4.89 19.76 25.43
N PHE B 201 4.76 19.87 24.11
CA PHE B 201 3.50 20.22 23.47
C PHE B 201 2.39 19.16 23.66
N LEU B 202 2.75 17.89 23.50
CA LEU B 202 1.77 16.81 23.63
C LEU B 202 1.66 16.34 25.07
N GLY B 203 2.52 16.86 25.93
CA GLY B 203 2.48 16.45 27.32
C GLY B 203 2.94 15.01 27.52
N LYS B 204 4.08 14.67 26.93
CA LYS B 204 4.62 13.33 27.04
C LYS B 204 6.02 13.35 27.64
N THR B 205 6.32 12.41 28.52
CA THR B 205 7.64 12.32 29.12
C THR B 205 8.32 11.06 28.57
N LEU B 206 9.65 11.06 28.55
CA LEU B 206 10.39 9.93 28.03
C LEU B 206 11.58 9.62 28.92
N GLU B 207 11.95 8.34 28.97
CA GLU B 207 13.13 7.95 29.74
C GLU B 207 14.30 8.16 28.78
N PRO B 208 15.52 8.39 29.30
CA PRO B 208 16.69 8.60 28.46
C PRO B 208 16.84 7.54 27.35
N GLU B 209 16.80 6.27 27.75
CA GLU B 209 16.94 5.20 26.77
C GLU B 209 15.84 5.21 25.70
N GLU B 210 14.66 5.70 26.05
CA GLU B 210 13.55 5.76 25.09
C GLU B 210 13.84 6.85 24.06
N LEU B 211 14.37 7.97 24.53
CA LEU B 211 14.70 9.08 23.65
C LEU B 211 15.79 8.63 22.69
N ASN B 212 16.80 7.93 23.20
CA ASN B 212 17.88 7.46 22.32
C ASN B 212 17.31 6.65 21.18
N LEU B 213 16.42 5.72 21.50
CA LEU B 213 15.82 4.86 20.48
C LEU B 213 14.92 5.61 19.51
N ILE B 214 14.31 6.69 19.98
CA ILE B 214 13.43 7.48 19.12
C ILE B 214 14.32 8.22 18.12
N LEU B 215 15.41 8.81 18.61
CA LEU B 215 16.34 9.54 17.77
C LEU B 215 17.01 8.59 16.77
N LYS B 216 17.48 7.45 17.27
CA LYS B 216 18.12 6.48 16.39
C LYS B 216 17.20 5.98 15.30
N ASN B 217 16.04 5.45 15.68
CA ASN B 217 15.08 4.93 14.71
C ASN B 217 14.44 5.96 13.79
N SER B 218 14.46 7.24 14.17
CA SER B 218 13.87 8.27 13.32
C SER B 218 14.94 8.98 12.47
N SER B 219 16.17 8.49 12.55
CA SER B 219 17.27 9.06 11.78
C SER B 219 17.12 8.59 10.33
N PHE B 220 17.61 9.40 9.39
CA PHE B 220 17.51 9.11 7.97
C PHE B 220 18.01 7.72 7.57
N GLN B 221 19.24 7.39 7.98
CA GLN B 221 19.80 6.09 7.64
C GLN B 221 18.96 4.92 8.13
N SER B 222 18.51 4.98 9.38
CA SER B 222 17.69 3.89 9.90
C SER B 222 16.34 3.84 9.20
N MET B 223 15.72 5.00 9.02
CA MET B 223 14.41 5.05 8.39
C MET B 223 14.47 4.58 6.94
N LYS B 224 15.56 4.88 6.24
CA LYS B 224 15.69 4.47 4.85
C LYS B 224 15.69 2.95 4.66
N GLU B 225 15.96 2.20 5.73
CA GLU B 225 16.02 0.74 5.68
C GLU B 225 14.69 0.05 5.97
N ASN B 226 13.78 0.73 6.65
CA ASN B 226 12.49 0.14 6.98
C ASN B 226 11.49 0.30 5.82
N LYS B 227 11.23 -0.80 5.12
CA LYS B 227 10.32 -0.74 3.98
C LYS B 227 8.92 -0.30 4.39
N MET B 228 8.60 -0.44 5.67
CA MET B 228 7.29 -0.04 6.17
C MET B 228 7.14 1.47 6.15
N SER B 229 8.26 2.18 6.25
CA SER B 229 8.24 3.64 6.26
C SER B 229 8.85 4.31 5.04
N ASN B 230 9.77 3.63 4.36
CA ASN B 230 10.40 4.23 3.20
C ASN B 230 9.54 3.94 1.98
N TYR B 231 8.25 4.27 2.10
CA TYR B 231 7.32 4.07 1.00
C TYR B 231 6.02 4.83 1.21
N SER B 232 5.27 5.00 0.12
CA SER B 232 3.99 5.70 0.15
C SER B 232 3.02 5.06 -0.83
N LEU B 233 1.72 5.22 -0.59
CA LEU B 233 0.69 4.66 -1.47
C LEU B 233 0.43 5.53 -2.69
N LEU B 234 1.50 5.80 -3.45
CA LEU B 234 1.40 6.61 -4.66
C LEU B 234 2.12 5.85 -5.78
N SER B 235 1.34 5.15 -6.60
CA SER B 235 1.89 4.38 -7.72
C SER B 235 2.85 5.20 -8.57
N VAL B 236 4.04 4.66 -8.80
CA VAL B 236 5.05 5.34 -9.59
C VAL B 236 5.38 4.54 -10.85
N ASP B 237 5.40 5.21 -12.00
CA ASP B 237 5.73 4.55 -13.26
C ASP B 237 7.24 4.29 -13.20
N TYR B 238 7.62 3.29 -12.41
CA TYR B 238 9.01 2.91 -12.20
C TYR B 238 10.00 3.31 -13.29
N VAL B 239 11.15 3.82 -12.87
CA VAL B 239 12.22 4.24 -13.77
C VAL B 239 13.55 3.63 -13.37
N LYS B 242 15.97 6.43 -8.00
CA LYS B 242 14.95 6.72 -8.99
C LYS B 242 13.56 6.92 -8.34
N ALA B 243 13.43 8.00 -7.58
CA ALA B 243 12.17 8.37 -6.91
C ALA B 243 11.83 7.63 -5.60
N GLN B 244 12.73 7.69 -4.62
CA GLN B 244 12.48 7.05 -3.33
C GLN B 244 12.02 8.12 -2.35
N LEU B 245 11.19 7.74 -1.38
CA LEU B 245 10.68 8.68 -0.39
C LEU B 245 11.81 9.38 0.33
N LEU B 246 12.77 8.62 0.84
CA LEU B 246 13.90 9.24 1.53
C LEU B 246 15.01 9.34 0.48
N ARG B 247 15.10 10.50 -0.16
CA ARG B 247 16.08 10.76 -1.21
C ARG B 247 17.46 11.11 -0.63
N LYS B 248 17.61 12.27 -0.01
CA LYS B 248 18.87 12.65 0.60
C LYS B 248 18.68 12.96 2.07
N GLY B 249 17.59 13.66 2.39
CA GLY B 249 17.30 14.00 3.78
C GLY B 249 18.15 15.06 4.44
N VAL B 250 18.54 16.10 3.70
CA VAL B 250 19.34 17.19 4.25
C VAL B 250 18.67 18.52 3.95
N SER B 251 19.30 19.61 4.37
CA SER B 251 18.78 20.93 4.07
C SER B 251 19.76 21.60 3.10
N GLY B 252 19.24 22.43 2.21
CA GLY B 252 20.11 23.12 1.29
C GLY B 252 20.43 22.41 -0.01
N ASP B 253 19.86 21.24 -0.21
CA ASP B 253 20.15 20.52 -1.44
C ASP B 253 19.77 21.39 -2.65
N TRP B 254 18.95 22.41 -2.42
CA TRP B 254 18.52 23.28 -3.50
C TRP B 254 19.68 23.96 -4.25
N LYS B 255 20.74 24.31 -3.54
CA LYS B 255 21.89 24.94 -4.19
C LYS B 255 22.51 24.07 -5.28
N ASN B 256 22.20 22.77 -5.24
CA ASN B 256 22.73 21.83 -6.23
C ASN B 256 21.85 21.69 -7.48
N HIS B 257 20.75 22.44 -7.52
CA HIS B 257 19.86 22.37 -8.67
C HIS B 257 19.41 23.72 -9.20
N PHE B 258 19.25 24.70 -8.31
CA PHE B 258 18.86 26.04 -8.73
C PHE B 258 20.01 26.66 -9.51
N THR B 259 19.70 27.30 -10.65
CA THR B 259 20.76 27.98 -11.40
C THR B 259 20.85 29.31 -10.66
N VAL B 260 21.95 30.02 -10.80
CA VAL B 260 22.09 31.30 -10.13
C VAL B 260 20.93 32.23 -10.48
N ALA B 261 20.52 32.18 -11.75
CA ALA B 261 19.42 33.01 -12.23
C ALA B 261 18.16 32.64 -11.46
N GLN B 262 17.81 31.36 -11.46
CA GLN B 262 16.64 30.90 -10.75
C GLN B 262 16.66 31.33 -9.29
N ALA B 263 17.84 31.27 -8.68
CA ALA B 263 17.98 31.67 -7.28
C ALA B 263 17.59 33.13 -7.13
N GLU B 264 18.13 34.00 -7.99
CA GLU B 264 17.80 35.41 -7.91
C GLU B 264 16.30 35.60 -8.08
N ASP B 265 15.75 34.98 -9.13
CA ASP B 265 14.33 35.08 -9.41
C ASP B 265 13.52 34.63 -8.20
N PHE B 266 13.94 33.53 -7.57
CA PHE B 266 13.21 33.01 -6.43
C PHE B 266 13.32 33.92 -5.21
N ASP B 267 14.51 34.44 -4.96
CA ASP B 267 14.68 35.32 -3.81
C ASP B 267 13.77 36.53 -3.93
N LYS B 268 13.59 37.03 -5.16
CA LYS B 268 12.73 38.18 -5.38
C LYS B 268 11.29 37.82 -5.03
N LEU B 269 10.80 36.73 -5.62
CA LEU B 269 9.44 36.24 -5.37
C LEU B 269 9.17 35.99 -3.89
N PHE B 270 10.11 35.33 -3.22
CA PHE B 270 9.97 35.01 -1.81
C PHE B 270 9.88 36.27 -0.97
N GLN B 271 10.75 37.23 -1.27
CA GLN B 271 10.79 38.48 -0.53
C GLN B 271 9.48 39.28 -0.61
N GLU B 272 8.85 39.29 -1.77
CA GLU B 272 7.59 40.00 -1.96
C GLU B 272 6.46 39.27 -1.23
N LYS B 273 6.29 37.99 -1.53
CA LYS B 273 5.25 37.16 -0.94
C LYS B 273 5.30 37.09 0.58
N MET B 274 6.51 37.01 1.14
CA MET B 274 6.69 36.86 2.58
C MET B 274 6.89 38.15 3.37
N ALA B 275 6.79 39.29 2.71
CA ALA B 275 6.99 40.58 3.38
C ALA B 275 6.08 40.79 4.57
N ASP B 276 4.80 40.43 4.43
CA ASP B 276 3.82 40.61 5.50
C ASP B 276 3.89 39.63 6.67
N LEU B 277 4.92 38.79 6.71
CA LEU B 277 5.05 37.84 7.80
C LEU B 277 6.32 38.12 8.61
N PRO B 278 6.36 37.67 9.87
CA PRO B 278 7.53 37.89 10.73
C PRO B 278 8.83 37.43 10.08
N ARG B 279 9.89 38.20 10.27
CA ARG B 279 11.19 37.84 9.73
C ARG B 279 11.66 36.58 10.44
N LYS B 280 11.23 36.42 11.69
CA LYS B 280 11.58 35.25 12.49
C LYS B 280 11.30 33.96 11.72
N LEU B 281 10.11 33.88 11.12
CA LEU B 281 9.72 32.70 10.34
C LEU B 281 10.65 32.49 9.15
N ALA B 282 10.97 33.59 8.47
CA ALA B 282 11.85 33.51 7.30
C ALA B 282 13.24 33.02 7.67
N ALA B 283 13.68 33.33 8.87
CA ALA B 283 15.01 32.92 9.33
C ALA B 283 15.06 31.45 9.74
N ALA B 284 13.95 30.94 10.26
CA ALA B 284 13.88 29.56 10.69
C ALA B 284 13.94 28.60 9.52
N LEU B 285 13.77 29.12 8.31
CA LEU B 285 13.79 28.31 7.09
C LEU B 285 15.19 28.24 6.47
N GLU B 286 16.14 28.93 7.11
CA GLU B 286 17.50 28.96 6.61
C GLU B 286 18.38 27.84 7.17
N HIS B 287 19.41 27.49 6.40
CA HIS B 287 20.35 26.44 6.78
C HIS B 287 21.72 27.01 7.16
P1 A3P C . 3.21 -23.21 1.58
O1P A3P C . 2.54 -22.66 2.76
O2P A3P C . 4.67 -23.10 1.71
O3P A3P C . 2.82 -24.62 1.34
P2 A3P C . -0.63 -17.66 -1.96
O4P A3P C . -0.99 -17.07 -0.64
O5P A3P C . 0.31 -16.77 -2.70
O6P A3P C . -1.85 -17.94 -2.76
O5' A3P C . 0.12 -19.05 -1.70
C5' A3P C . 1.21 -19.17 -0.78
C4' A3P C . 1.89 -20.51 -0.99
O4' A3P C . 2.77 -20.42 -2.17
C3' A3P C . 2.80 -20.95 0.16
O3' A3P C . 2.74 -22.38 0.29
C2' A3P C . 4.14 -20.41 -0.31
O2' A3P C . 5.30 -20.91 0.31
C1' A3P C . 4.07 -20.77 -1.79
N9 A3P C . 5.07 -20.09 -2.57
C8 A3P C . 5.34 -18.74 -2.66
N7 A3P C . 6.34 -18.44 -3.46
C5 A3P C . 6.77 -19.67 -3.92
C6 A3P C . 7.80 -20.08 -4.81
N6 A3P C . 8.63 -19.21 -5.40
N1 A3P C . 7.94 -21.42 -5.07
C2 A3P C . 7.10 -22.31 -4.48
N3 A3P C . 6.10 -22.05 -3.63
C4 A3P C . 5.98 -20.71 -3.39
P1 A3P D . 14.40 15.22 0.26
O1P A3P D . 13.72 14.83 -1.00
O2P A3P D . 15.43 14.22 0.62
O3P A3P D . 14.97 16.56 0.17
P2 A3P D . 7.33 14.31 2.90
O4P A3P D . 6.96 13.84 1.54
O5P A3P D . 7.25 13.20 3.87
O6P A3P D . 6.49 15.44 3.32
O5' A3P D . 8.84 14.81 2.83
C5' A3P D . 9.87 14.05 2.19
C4' A3P D . 11.24 14.69 2.50
O4' A3P D . 11.59 14.38 3.89
C3' A3P D . 12.40 14.15 1.66
O3' A3P D . 13.33 15.23 1.42
C2' A3P D . 12.94 13.05 2.55
O2' A3P D . 14.24 12.58 2.30
C1' A3P D . 12.85 13.74 3.91
N9 A3P D . 12.97 12.78 5.01
C8 A3P D . 12.26 11.64 5.26
N7 A3P D . 12.63 10.99 6.33
C5 A3P D . 13.66 11.75 6.84
C6 A3P D . 14.50 11.63 7.98
N6 A3P D . 14.43 10.61 8.86
N1 A3P D . 15.44 12.59 8.19
C2 A3P D . 15.56 13.62 7.32
N3 A3P D . 14.83 13.86 6.21
C4 A3P D . 13.88 12.87 6.03
#